data_5P9Z
#
_entry.id   5P9Z
#
_cell.length_a   50.094
_cell.length_b   54.411
_cell.length_c   80.853
_cell.angle_alpha   90.000
_cell.angle_beta   90.000
_cell.angle_gamma   90.000
#
_symmetry.space_group_name_H-M   'P 21 21 21'
#
loop_
_entity.id
_entity.type
_entity.pdbx_description
1 polymer 'Catechol O-methyltransferase'
2 non-polymer 'MAGNESIUM ION'
3 non-polymer 'CHLORIDE ION'
4 non-polymer 'SULFATE ION'
5 non-polymer S-ADENOSYL-L-HOMOCYSTEINE
6 non-polymer 6-(4-fluorophenyl)quinazolin-8-ol
7 non-polymer (4S,5S)-1,2-DITHIANE-4,5-DIOL
8 water water
#
_entity_poly.entity_id   1
_entity_poly.type   'polypeptide(L)'
_entity_poly.pdbx_seq_one_letter_code
;MGDTKEQRILRYVQQNAKPGDPQSVLEAIDTYCTQKEWAMNVGDAKGQIMDAVIREYSPSLVLELGAYCGYSAVRMARLL
QPGARLLTMEINPDCAAITQQMLNFAGLQDKVTILNGASQDLIPQLKKKYDVDTLDMVFLDHWKDRYLPDTLLLEKCGLL
RKGTVLLADNVIVPGTPDFLAYVRGSSSFECTHYSSYLEYMKVVDGLEKAIYQGPSSPDKS
;
_entity_poly.pdbx_strand_id   A
#
loop_
_chem_comp.id
_chem_comp.type
_chem_comp.name
_chem_comp.formula
7JQ non-polymer 6-(4-fluorophenyl)quinazolin-8-ol 'C14 H9 F N2 O'
CL non-polymer 'CHLORIDE ION' 'Cl -1'
D1D non-polymer (4S,5S)-1,2-DITHIANE-4,5-DIOL 'C4 H8 O2 S2'
MG non-polymer 'MAGNESIUM ION' 'Mg 2'
SO4 non-polymer 'SULFATE ION' 'O4 S -2'
#
# COMPACT_ATOMS: atom_id res chain seq x y z
N ASP A 3 -13.72 21.52 -7.07
CA ASP A 3 -13.29 20.14 -6.77
C ASP A 3 -11.81 19.96 -6.60
N THR A 4 -11.46 18.82 -5.99
CA THR A 4 -10.04 18.54 -5.69
C THR A 4 -9.50 17.69 -6.81
N LYS A 5 -8.18 17.58 -6.81
CA LYS A 5 -7.45 16.65 -7.68
C LYS A 5 -7.91 15.20 -7.47
N GLU A 6 -8.12 14.81 -6.23
CA GLU A 6 -8.57 13.49 -5.93
C GLU A 6 -9.96 13.18 -6.49
N GLN A 7 -10.88 14.12 -6.33
CA GLN A 7 -12.19 14.04 -6.98
CA GLN A 7 -12.20 14.03 -6.97
C GLN A 7 -12.10 13.95 -8.49
N ARG A 8 -11.22 14.74 -9.10
CA ARG A 8 -11.01 14.64 -10.55
C ARG A 8 -10.46 13.29 -11.01
N ILE A 9 -9.58 12.69 -10.19
CA ILE A 9 -9.04 11.34 -10.50
C ILE A 9 -10.20 10.35 -10.53
N LEU A 10 -11.04 10.39 -9.49
CA LEU A 10 -12.14 9.45 -9.38
C LEU A 10 -13.11 9.62 -10.55
N ARG A 11 -13.53 10.84 -10.82
CA ARG A 11 -14.38 11.08 -11.96
C ARG A 11 -13.78 10.58 -13.22
N TYR A 12 -12.47 10.84 -13.46
CA TYR A 12 -11.84 10.33 -14.68
C TYR A 12 -11.96 8.82 -14.80
N VAL A 13 -11.68 8.11 -13.71
CA VAL A 13 -11.79 6.66 -13.70
C VAL A 13 -13.22 6.26 -14.12
N GLN A 14 -14.24 6.89 -13.49
CA GLN A 14 -15.65 6.55 -13.70
C GLN A 14 -16.02 6.69 -15.17
N GLN A 15 -15.34 7.60 -15.85
CA GLN A 15 -15.72 7.99 -17.22
C GLN A 15 -14.82 7.38 -18.26
N ASN A 16 -13.70 6.78 -17.85
CA ASN A 16 -12.71 6.23 -18.76
C ASN A 16 -12.25 4.83 -18.50
N ALA A 17 -12.76 4.20 -17.47
CA ALA A 17 -12.50 2.82 -17.24
C ALA A 17 -13.80 2.04 -17.31
N LYS A 18 -13.64 0.73 -17.30
CA LYS A 18 -14.78 -0.17 -17.30
C LYS A 18 -15.12 -0.66 -15.90
N PRO A 19 -16.40 -0.50 -15.45
CA PRO A 19 -16.82 -1.01 -14.14
C PRO A 19 -16.53 -2.45 -14.01
N GLY A 20 -15.94 -2.79 -12.85
CA GLY A 20 -15.55 -4.16 -12.51
C GLY A 20 -14.26 -4.63 -13.14
N ASP A 21 -13.51 -3.74 -13.77
CA ASP A 21 -12.27 -4.10 -14.46
C ASP A 21 -11.12 -3.34 -13.83
N PRO A 22 -10.53 -3.94 -12.79
CA PRO A 22 -9.42 -3.28 -12.04
C PRO A 22 -8.29 -2.77 -12.92
N GLN A 23 -7.93 -3.52 -13.96
CA GLN A 23 -6.82 -3.17 -14.84
C GLN A 23 -7.15 -1.86 -15.54
N SER A 24 -8.38 -1.72 -16.03
CA SER A 24 -8.78 -0.48 -16.74
C SER A 24 -8.80 0.72 -15.76
N VAL A 25 -9.12 0.49 -14.49
CA VAL A 25 -9.03 1.52 -13.45
C VAL A 25 -7.57 2.01 -13.24
N LEU A 26 -6.64 1.08 -13.11
CA LEU A 26 -5.21 1.45 -12.98
C LEU A 26 -4.72 2.23 -14.18
N GLU A 27 -5.06 1.75 -15.37
CA GLU A 27 -4.67 2.44 -16.59
C GLU A 27 -5.21 3.84 -16.64
N ALA A 28 -6.46 4.01 -16.24
CA ALA A 28 -7.12 5.30 -16.28
C ALA A 28 -6.43 6.23 -15.28
N ILE A 29 -6.13 5.76 -14.06
CA ILE A 29 -5.44 6.60 -13.11
C ILE A 29 -4.05 6.99 -13.64
N ASP A 30 -3.34 6.00 -14.18
CA ASP A 30 -1.97 6.22 -14.69
C ASP A 30 -1.94 7.25 -15.84
N THR A 31 -2.91 7.14 -16.73
CA THR A 31 -3.05 8.04 -17.85
C THR A 31 -3.38 9.47 -17.36
N TYR A 32 -4.32 9.60 -16.44
CA TYR A 32 -4.69 10.94 -15.93
C TYR A 32 -3.48 11.55 -15.21
N CYS A 33 -2.75 10.75 -14.47
CA CYS A 33 -1.70 11.33 -13.66
C CYS A 33 -0.44 11.61 -14.50
N THR A 34 -0.32 10.98 -15.66
CA THR A 34 0.76 11.24 -16.60
C THR A 34 0.48 12.46 -17.47
N GLN A 35 -0.78 12.63 -17.88
CA GLN A 35 -1.16 13.64 -18.87
C GLN A 35 -1.73 14.90 -18.29
N LYS A 36 -2.26 14.85 -17.05
CA LYS A 36 -3.08 15.95 -16.50
C LYS A 36 -2.48 16.45 -15.22
N GLU A 37 -2.49 15.66 -14.16
CA GLU A 37 -2.00 16.08 -12.87
C GLU A 37 -1.27 14.97 -12.13
N TRP A 38 0.01 15.18 -11.79
CA TRP A 38 0.76 14.28 -10.95
C TRP A 38 -0.02 13.97 -9.68
N ALA A 39 0.06 12.72 -9.25
CA ALA A 39 -0.43 12.37 -7.91
C ALA A 39 0.42 11.24 -7.29
N MET A 40 0.39 11.16 -5.96
CA MET A 40 1.26 10.22 -5.23
C MET A 40 0.82 8.76 -5.19
N ASN A 41 0.32 8.27 -6.30
CA ASN A 41 0.02 6.83 -6.44
C ASN A 41 1.31 6.11 -6.65
N VAL A 42 1.38 4.85 -6.23
CA VAL A 42 2.63 4.11 -6.34
C VAL A 42 3.07 4.02 -7.83
N GLY A 43 2.12 4.06 -8.76
CA GLY A 43 2.40 4.14 -10.18
C GLY A 43 2.69 2.76 -10.78
N ASP A 44 2.82 2.75 -12.10
CA ASP A 44 3.04 1.54 -12.82
C ASP A 44 4.42 0.95 -12.72
N ALA A 45 5.45 1.78 -12.67
CA ALA A 45 6.87 1.27 -12.59
C ALA A 45 7.04 0.50 -11.29
N LYS A 46 6.81 1.18 -10.16
CA LYS A 46 6.84 0.47 -8.88
C LYS A 46 5.69 -0.56 -8.70
N GLY A 47 4.52 -0.29 -9.30
CA GLY A 47 3.40 -1.16 -9.32
C GLY A 47 3.75 -2.51 -9.86
N GLN A 48 4.54 -2.52 -10.92
CA GLN A 48 4.94 -3.80 -11.50
C GLN A 48 5.80 -4.64 -10.54
N ILE A 49 6.67 -3.98 -9.78
CA ILE A 49 7.48 -4.70 -8.78
C ILE A 49 6.59 -5.21 -7.65
N MET A 50 5.65 -4.38 -7.18
CA MET A 50 4.61 -4.84 -6.23
CA MET A 50 4.57 -4.81 -6.24
C MET A 50 3.86 -6.07 -6.73
N ASP A 51 3.45 -6.04 -7.99
CA ASP A 51 2.70 -7.16 -8.55
C ASP A 51 3.51 -8.46 -8.47
N ALA A 52 4.80 -8.37 -8.82
CA ALA A 52 5.75 -9.50 -8.75
C ALA A 52 5.85 -10.05 -7.31
N VAL A 53 5.92 -9.16 -6.33
CA VAL A 53 5.99 -9.55 -4.93
C VAL A 53 4.70 -10.21 -4.50
N ILE A 54 3.57 -9.60 -4.85
CA ILE A 54 2.29 -10.13 -4.45
C ILE A 54 2.12 -11.56 -5.02
N ARG A 55 2.46 -11.73 -6.28
CA ARG A 55 2.32 -13.04 -6.91
CA ARG A 55 2.34 -13.04 -6.94
C ARG A 55 3.30 -14.04 -6.32
N GLU A 56 4.40 -13.60 -5.82
CA GLU A 56 5.35 -14.54 -5.24
C GLU A 56 4.80 -15.11 -3.92
N TYR A 57 4.28 -14.25 -3.06
CA TYR A 57 3.84 -14.67 -1.73
C TYR A 57 2.36 -15.04 -1.60
N SER A 58 1.52 -14.64 -2.57
CA SER A 58 0.08 -14.93 -2.51
CA SER A 58 0.10 -14.94 -2.51
C SER A 58 -0.51 -14.70 -1.10
N PRO A 59 -0.32 -13.49 -0.53
CA PRO A 59 -0.70 -13.24 0.86
C PRO A 59 -2.22 -13.44 1.08
N SER A 60 -2.62 -14.06 2.21
CA SER A 60 -4.01 -14.13 2.54
C SER A 60 -4.55 -12.85 3.23
N LEU A 61 -3.71 -12.17 4.00
CA LEU A 61 -4.13 -10.95 4.71
C LEU A 61 -3.01 -9.89 4.56
N VAL A 62 -3.31 -8.79 3.87
CA VAL A 62 -2.45 -7.69 3.67
C VAL A 62 -2.97 -6.46 4.40
N LEU A 63 -2.03 -5.74 5.01
CA LEU A 63 -2.32 -4.45 5.59
C LEU A 63 -1.63 -3.40 4.78
N GLU A 64 -2.40 -2.38 4.39
CA GLU A 64 -1.83 -1.18 3.73
C GLU A 64 -1.90 0.00 4.65
N LEU A 65 -0.77 0.74 4.72
CA LEU A 65 -0.73 2.01 5.45
C LEU A 65 -0.68 3.12 4.46
N GLY A 66 -1.80 3.82 4.32
CA GLY A 66 -1.91 4.96 3.41
C GLY A 66 -2.64 4.53 2.15
N ALA A 67 -3.89 4.94 2.02
CA ALA A 67 -4.70 4.57 0.85
C ALA A 67 -4.77 5.59 -0.27
N TYR A 68 -4.93 6.85 0.13
CA TYR A 68 -5.05 7.97 -0.83
C TYR A 68 -6.31 7.83 -1.70
N CYS A 69 -6.18 7.56 -2.99
CA CYS A 69 -7.31 7.39 -3.90
C CYS A 69 -7.65 5.94 -4.22
N GLY A 70 -6.89 5.01 -3.66
CA GLY A 70 -7.17 3.55 -3.78
C GLY A 70 -6.36 2.88 -4.87
N TYR A 71 -5.40 3.60 -5.52
CA TYR A 71 -4.61 3.00 -6.60
C TYR A 71 -3.91 1.69 -6.16
N SER A 72 -3.11 1.79 -5.09
CA SER A 72 -2.40 0.63 -4.63
C SER A 72 -3.33 -0.44 -4.12
N ALA A 73 -4.42 -0.04 -3.51
CA ALA A 73 -5.36 -1.04 -2.99
C ALA A 73 -5.98 -1.81 -4.17
N VAL A 74 -6.33 -1.13 -5.23
CA VAL A 74 -6.85 -1.83 -6.42
C VAL A 74 -5.73 -2.74 -6.98
N ARG A 75 -4.52 -2.19 -7.02
CA ARG A 75 -3.40 -2.92 -7.56
C ARG A 75 -3.15 -4.26 -6.85
N MET A 76 -3.11 -4.20 -5.53
CA MET A 76 -2.92 -5.42 -4.71
C MET A 76 -4.14 -6.32 -4.70
N ALA A 77 -5.29 -5.70 -4.49
CA ALA A 77 -6.56 -6.49 -4.32
C ALA A 77 -6.88 -7.32 -5.56
N ARG A 78 -6.51 -6.82 -6.72
CA ARG A 78 -6.86 -7.51 -7.99
C ARG A 78 -6.09 -8.80 -8.13
N LEU A 79 -4.94 -8.87 -7.47
CA LEU A 79 -4.12 -10.05 -7.49
C LEU A 79 -4.34 -10.97 -6.33
N LEU A 80 -5.11 -10.59 -5.33
CA LEU A 80 -5.42 -11.52 -4.23
C LEU A 80 -6.25 -12.73 -4.68
N GLN A 81 -5.99 -13.88 -4.03
CA GLN A 81 -6.75 -15.12 -4.30
C GLN A 81 -8.13 -15.02 -3.69
N PRO A 82 -9.10 -15.84 -4.14
CA PRO A 82 -10.39 -15.82 -3.50
C PRO A 82 -10.32 -16.08 -2.01
N GLY A 83 -11.09 -15.26 -1.30
CA GLY A 83 -11.17 -15.22 0.12
C GLY A 83 -10.08 -14.42 0.82
N ALA A 84 -9.02 -14.04 0.11
CA ALA A 84 -7.88 -13.29 0.71
C ALA A 84 -8.34 -11.81 0.82
N ARG A 85 -7.74 -11.05 1.75
CA ARG A 85 -8.30 -9.76 2.18
C ARG A 85 -7.18 -8.71 2.30
N LEU A 86 -7.58 -7.45 2.11
CA LEU A 86 -6.75 -6.29 2.35
C LEU A 86 -7.47 -5.42 3.31
N LEU A 87 -6.72 -4.93 4.26
CA LEU A 87 -7.17 -3.86 5.16
C LEU A 87 -6.28 -2.67 4.81
N THR A 88 -6.90 -1.54 4.59
CA THR A 88 -6.15 -0.34 4.32
CA THR A 88 -6.17 -0.32 4.30
C THR A 88 -6.58 0.79 5.25
N MET A 89 -5.56 1.45 5.81
CA MET A 89 -5.73 2.54 6.79
C MET A 89 -5.44 3.88 6.13
N GLU A 90 -6.36 4.81 6.38
CA GLU A 90 -6.32 6.12 5.82
C GLU A 90 -6.80 7.17 6.81
N ILE A 91 -5.95 8.15 7.08
CA ILE A 91 -6.24 9.17 8.09
C ILE A 91 -7.16 10.31 7.58
N ASN A 92 -7.12 10.62 6.32
CA ASN A 92 -7.89 11.65 5.74
C ASN A 92 -9.26 11.07 5.29
N PRO A 93 -10.41 11.58 5.86
CA PRO A 93 -11.70 11.07 5.52
C PRO A 93 -12.12 11.31 4.09
N ASP A 94 -11.66 12.40 3.48
CA ASP A 94 -11.98 12.66 2.07
C ASP A 94 -11.32 11.60 1.21
N CYS A 95 -10.10 11.22 1.52
N CYS A 95 -10.07 11.23 1.51
CA CYS A 95 -9.40 10.16 0.73
CA CYS A 95 -9.36 10.12 0.79
C CYS A 95 -9.98 8.78 1.00
C CYS A 95 -10.02 8.79 0.98
N ALA A 96 -10.45 8.54 2.21
CA ALA A 96 -11.06 7.28 2.57
C ALA A 96 -12.34 7.11 1.69
N ALA A 97 -13.10 8.22 1.55
CA ALA A 97 -14.29 8.21 0.71
C ALA A 97 -13.92 7.98 -0.76
N ILE A 98 -12.89 8.66 -1.26
CA ILE A 98 -12.43 8.39 -2.64
C ILE A 98 -11.99 6.96 -2.85
N THR A 99 -11.28 6.42 -1.90
CA THR A 99 -10.77 5.05 -1.97
C THR A 99 -11.95 4.08 -2.02
N GLN A 100 -12.96 4.30 -1.18
CA GLN A 100 -14.06 3.35 -1.12
C GLN A 100 -14.73 3.33 -2.48
N GLN A 101 -14.98 4.52 -3.04
CA GLN A 101 -15.62 4.66 -4.36
C GLN A 101 -14.81 4.09 -5.48
N MET A 102 -13.50 4.22 -5.42
CA MET A 102 -12.61 3.61 -6.37
C MET A 102 -12.69 2.07 -6.32
N LEU A 103 -12.66 1.54 -5.13
CA LEU A 103 -12.77 0.10 -4.95
C LEU A 103 -14.11 -0.42 -5.41
N ASN A 104 -15.17 0.33 -5.12
CA ASN A 104 -16.49 -0.05 -5.59
C ASN A 104 -16.52 -0.10 -7.11
N PHE A 105 -16.02 0.98 -7.76
CA PHE A 105 -16.06 1.02 -9.20
C PHE A 105 -15.32 -0.19 -9.78
N ALA A 106 -14.17 -0.52 -9.19
CA ALA A 106 -13.37 -1.63 -9.64
C ALA A 106 -13.93 -3.00 -9.37
N GLY A 107 -14.98 -3.09 -8.55
CA GLY A 107 -15.59 -4.35 -8.11
C GLY A 107 -14.82 -5.15 -7.09
N LEU A 108 -13.90 -4.48 -6.41
CA LEU A 108 -13.05 -5.14 -5.39
C LEU A 108 -13.49 -4.86 -3.94
N GLN A 109 -14.65 -4.29 -3.76
CA GLN A 109 -15.10 -3.92 -2.42
C GLN A 109 -15.26 -5.06 -1.47
N ASP A 110 -15.45 -6.28 -1.95
CA ASP A 110 -15.69 -7.39 -0.97
C ASP A 110 -14.36 -7.92 -0.47
N LYS A 111 -13.28 -7.53 -1.11
CA LYS A 111 -11.90 -7.97 -0.77
C LYS A 111 -11.19 -6.98 0.13
N VAL A 112 -11.69 -5.77 0.25
CA VAL A 112 -11.02 -4.70 0.93
C VAL A 112 -11.83 -4.02 2.00
N THR A 113 -11.22 -3.73 3.14
CA THR A 113 -11.86 -2.94 4.18
C THR A 113 -11.01 -1.68 4.36
N ILE A 114 -11.62 -0.52 4.18
CA ILE A 114 -10.89 0.72 4.37
C ILE A 114 -11.21 1.19 5.74
N LEU A 115 -10.22 1.27 6.62
CA LEU A 115 -10.31 1.83 7.96
C LEU A 115 -9.88 3.30 8.01
N ASN A 116 -10.84 4.23 8.20
CA ASN A 116 -10.59 5.67 8.32
C ASN A 116 -10.06 6.01 9.73
N GLY A 117 -8.79 6.40 9.87
CA GLY A 117 -8.17 6.74 11.17
C GLY A 117 -6.61 6.69 11.00
N ALA A 118 -5.90 7.06 12.03
CA ALA A 118 -4.45 7.04 12.06
C ALA A 118 -3.97 5.65 12.25
N SER A 119 -2.94 5.25 11.51
CA SER A 119 -2.39 3.91 11.68
C SER A 119 -1.95 3.60 13.12
N GLN A 120 -1.37 4.58 13.79
CA GLN A 120 -0.88 4.39 15.17
C GLN A 120 -2.05 4.10 16.15
N ASP A 121 -3.24 4.59 15.83
CA ASP A 121 -4.42 4.35 16.66
C ASP A 121 -5.12 3.06 16.27
N LEU A 122 -5.09 2.71 14.98
CA LEU A 122 -5.82 1.61 14.48
C LEU A 122 -5.07 0.26 14.67
N ILE A 123 -3.74 0.31 14.55
CA ILE A 123 -2.95 -0.93 14.63
C ILE A 123 -3.19 -1.66 15.97
N PRO A 124 -3.33 -0.93 17.10
CA PRO A 124 -3.54 -1.73 18.32
C PRO A 124 -4.93 -2.34 18.41
N GLN A 125 -5.84 -1.94 17.54
CA GLN A 125 -7.20 -2.47 17.51
C GLN A 125 -7.35 -3.65 16.59
N LEU A 126 -6.31 -4.03 15.85
CA LEU A 126 -6.53 -5.03 14.78
C LEU A 126 -6.91 -6.40 15.38
N LYS A 127 -6.21 -6.79 16.42
CA LYS A 127 -6.48 -8.12 17.04
C LYS A 127 -7.91 -8.25 17.59
N LYS A 128 -8.27 -7.38 18.51
CA LYS A 128 -9.56 -7.42 19.15
C LYS A 128 -10.67 -6.98 18.22
N LYS A 129 -10.60 -5.77 17.66
CA LYS A 129 -11.73 -5.21 16.91
C LYS A 129 -11.87 -5.82 15.52
N TYR A 130 -10.77 -6.06 14.83
CA TYR A 130 -10.82 -6.58 13.47
C TYR A 130 -10.47 -8.06 13.30
N ASP A 131 -10.32 -8.75 14.43
CA ASP A 131 -10.12 -10.18 14.50
C ASP A 131 -8.91 -10.69 13.74
N VAL A 132 -7.87 -9.87 13.70
CA VAL A 132 -6.64 -10.28 13.05
C VAL A 132 -5.76 -11.09 13.98
N ASP A 133 -5.14 -12.16 13.47
CA ASP A 133 -4.09 -12.86 14.20
C ASP A 133 -2.76 -12.26 13.82
N THR A 134 -2.18 -12.70 12.70
CA THR A 134 -0.99 -12.10 12.21
C THR A 134 -1.18 -11.72 10.76
N LEU A 135 -0.33 -10.78 10.34
CA LEU A 135 -0.35 -10.27 8.97
C LEU A 135 0.56 -11.07 8.06
N ASP A 136 0.20 -11.24 6.80
CA ASP A 136 1.11 -11.88 5.82
C ASP A 136 2.01 -10.86 5.11
N MET A 137 1.48 -9.67 4.88
CA MET A 137 2.22 -8.64 4.16
CA MET A 137 2.21 -8.66 4.17
C MET A 137 1.70 -7.30 4.66
N VAL A 138 2.62 -6.33 4.68
CA VAL A 138 2.26 -4.95 5.05
C VAL A 138 2.89 -4.08 3.94
N PHE A 139 2.06 -3.26 3.28
CA PHE A 139 2.56 -2.21 2.37
C PHE A 139 2.61 -0.88 3.13
N LEU A 140 3.80 -0.32 3.30
CA LEU A 140 3.99 0.94 4.05
C LEU A 140 4.12 2.05 3.01
N ASP A 141 3.11 2.94 3.03
CA ASP A 141 3.13 4.01 2.04
C ASP A 141 2.35 5.22 2.53
N HIS A 142 2.55 5.57 3.80
CA HIS A 142 1.89 6.70 4.46
C HIS A 142 2.98 7.74 4.72
N TRP A 143 2.85 8.58 5.75
CA TRP A 143 3.92 9.54 5.90
C TRP A 143 5.24 8.87 6.34
N LYS A 144 6.36 9.35 5.82
CA LYS A 144 7.62 8.62 5.87
C LYS A 144 8.15 8.52 7.31
N ASP A 145 7.75 9.48 8.14
CA ASP A 145 8.17 9.45 9.57
C ASP A 145 7.42 8.45 10.37
N ARG A 146 6.38 7.82 9.81
CA ARG A 146 5.69 6.77 10.52
CA ARG A 146 5.68 6.75 10.51
C ARG A 146 6.19 5.33 10.21
N TYR A 147 7.06 5.15 9.24
CA TYR A 147 7.43 3.80 8.86
C TYR A 147 8.04 3.04 10.03
N LEU A 148 9.05 3.65 10.64
CA LEU A 148 9.73 3.03 11.75
C LEU A 148 8.85 2.88 13.01
N PRO A 149 8.23 3.98 13.48
CA PRO A 149 7.37 3.80 14.63
C PRO A 149 6.26 2.74 14.41
N ASP A 150 5.65 2.74 13.23
CA ASP A 150 4.59 1.77 13.01
C ASP A 150 5.06 0.31 12.83
N THR A 151 6.27 0.11 12.30
CA THR A 151 6.81 -1.20 12.26
C THR A 151 7.03 -1.75 13.70
N LEU A 152 7.63 -0.95 14.56
CA LEU A 152 7.88 -1.32 15.94
C LEU A 152 6.59 -1.55 16.67
N LEU A 153 5.57 -0.79 16.38
CA LEU A 153 4.24 -1.01 16.93
C LEU A 153 3.62 -2.30 16.45
N LEU A 154 3.75 -2.62 15.17
CA LEU A 154 3.25 -3.87 14.64
C LEU A 154 3.88 -5.04 15.39
N GLU A 155 5.21 -4.97 15.62
CA GLU A 155 5.88 -6.06 16.34
C GLU A 155 5.31 -6.10 17.79
N LYS A 156 5.23 -4.95 18.44
CA LYS A 156 4.78 -4.88 19.84
C LYS A 156 3.43 -5.53 19.98
N CYS A 157 2.54 -5.29 19.04
CA CYS A 157 1.15 -5.81 19.08
C CYS A 157 1.02 -7.28 18.65
N GLY A 158 2.11 -7.98 18.38
CA GLY A 158 2.07 -9.38 18.00
C GLY A 158 1.48 -9.67 16.61
N LEU A 159 1.58 -8.69 15.74
CA LEU A 159 0.99 -8.79 14.41
C LEU A 159 1.92 -9.32 13.35
N LEU A 160 3.21 -9.42 13.61
CA LEU A 160 4.14 -10.00 12.68
C LEU A 160 4.39 -11.46 13.04
N ARG A 161 4.68 -12.25 12.05
CA ARG A 161 5.04 -13.65 12.26
C ARG A 161 6.27 -13.87 11.40
N LYS A 162 6.93 -15.01 11.59
CA LYS A 162 8.07 -15.42 10.74
C LYS A 162 7.62 -15.48 9.28
N GLY A 163 8.27 -14.68 8.46
CA GLY A 163 7.88 -14.61 7.04
C GLY A 163 7.00 -13.42 6.67
N THR A 164 6.50 -12.65 7.63
CA THR A 164 5.70 -11.50 7.22
C THR A 164 6.53 -10.54 6.34
N VAL A 165 5.98 -10.13 5.22
CA VAL A 165 6.64 -9.34 4.20
C VAL A 165 6.27 -7.87 4.38
N LEU A 166 7.23 -7.04 4.76
CA LEU A 166 7.02 -5.59 4.73
C LEU A 166 7.53 -5.12 3.42
N LEU A 167 6.70 -4.34 2.73
CA LEU A 167 7.09 -3.70 1.45
C LEU A 167 6.87 -2.24 1.60
N ALA A 168 7.94 -1.47 1.45
CA ALA A 168 7.97 -0.03 1.76
C ALA A 168 8.18 0.81 0.54
N ASP A 169 7.23 1.70 0.27
CA ASP A 169 7.40 2.61 -0.88
C ASP A 169 8.28 3.80 -0.48
N ASN A 170 8.84 4.42 -1.48
CA ASN A 170 9.44 5.72 -1.36
C ASN A 170 10.71 5.73 -0.45
N VAL A 171 11.46 4.65 -0.49
CA VAL A 171 12.64 4.60 0.41
C VAL A 171 13.76 5.47 -0.07
N ILE A 172 13.68 5.93 -1.31
CA ILE A 172 14.64 6.91 -1.84
C ILE A 172 14.07 8.34 -1.86
N VAL A 173 12.88 8.50 -2.44
CA VAL A 173 12.21 9.80 -2.51
CA VAL A 173 12.22 9.81 -2.49
C VAL A 173 10.76 9.65 -2.11
N PRO A 174 10.27 10.33 -1.07
CA PRO A 174 11.00 11.27 -0.19
C PRO A 174 12.07 10.68 0.63
N GLY A 175 12.10 9.34 0.79
CA GLY A 175 13.08 8.67 1.62
C GLY A 175 12.56 8.45 3.04
N THR A 176 13.06 7.37 3.67
CA THR A 176 12.65 7.05 5.02
CA THR A 176 12.67 6.93 4.96
C THR A 176 13.92 6.53 5.74
N PRO A 177 14.85 7.47 6.02
CA PRO A 177 16.18 7.07 6.46
C PRO A 177 16.23 6.22 7.79
N ASP A 178 15.37 6.53 8.73
CA ASP A 178 15.45 5.84 10.03
C ASP A 178 14.94 4.38 9.87
N PHE A 179 13.83 4.24 9.13
CA PHE A 179 13.30 2.96 8.77
C PHE A 179 14.33 2.13 8.03
N LEU A 180 14.92 2.73 7.02
CA LEU A 180 15.82 1.98 6.14
C LEU A 180 17.01 1.50 6.91
N ALA A 181 17.62 2.39 7.73
CA ALA A 181 18.79 1.99 8.49
C ALA A 181 18.45 0.95 9.55
N TYR A 182 17.27 1.05 10.12
CA TYR A 182 16.84 0.11 11.09
C TYR A 182 16.66 -1.27 10.53
N VAL A 183 15.83 -1.40 9.47
CA VAL A 183 15.61 -2.76 9.03
C VAL A 183 16.87 -3.37 8.48
N ARG A 184 17.67 -2.59 7.78
CA ARG A 184 18.91 -3.12 7.14
C ARG A 184 19.90 -3.54 8.15
N GLY A 185 19.86 -2.94 9.34
CA GLY A 185 20.81 -3.26 10.43
C GLY A 185 20.33 -4.32 11.39
N SER A 186 19.09 -4.77 11.27
CA SER A 186 18.49 -5.64 12.23
C SER A 186 18.51 -7.08 11.78
N SER A 187 18.88 -7.99 12.70
CA SER A 187 18.86 -9.41 12.41
CA SER A 187 18.86 -9.41 12.41
C SER A 187 17.44 -10.00 12.37
N SER A 188 16.47 -9.21 12.77
CA SER A 188 15.08 -9.57 12.70
C SER A 188 14.41 -9.34 11.33
N PHE A 189 15.19 -8.81 10.39
CA PHE A 189 14.66 -8.52 9.01
C PHE A 189 15.65 -9.02 7.98
N GLU A 190 15.16 -9.57 6.87
CA GLU A 190 15.96 -9.92 5.75
C GLU A 190 15.47 -8.93 4.65
N CYS A 191 16.38 -8.08 4.20
CA CYS A 191 16.03 -6.96 3.30
C CYS A 191 16.52 -7.08 1.87
N THR A 192 15.73 -6.58 0.94
CA THR A 192 16.13 -6.55 -0.47
C THR A 192 15.62 -5.21 -0.99
N HIS A 193 16.48 -4.51 -1.74
CA HIS A 193 16.12 -3.25 -2.38
C HIS A 193 15.77 -3.43 -3.86
N TYR A 194 14.66 -2.83 -4.26
CA TYR A 194 14.23 -2.88 -5.65
C TYR A 194 14.19 -1.49 -6.23
N SER A 195 15.24 -1.17 -7.00
CA SER A 195 15.38 0.19 -7.55
C SER A 195 14.38 0.39 -8.64
N SER A 196 13.76 1.59 -8.67
CA SER A 196 12.74 1.89 -9.63
C SER A 196 12.71 3.39 -9.86
N TYR A 197 11.51 3.90 -10.12
CA TYR A 197 11.34 5.33 -10.45
C TYR A 197 10.13 5.83 -9.73
N LEU A 198 10.26 7.09 -9.31
CA LEU A 198 9.13 7.82 -8.76
C LEU A 198 7.99 7.77 -9.75
N GLU A 199 6.81 7.56 -9.22
CA GLU A 199 5.59 7.47 -10.06
C GLU A 199 5.52 8.65 -11.00
N TYR A 200 5.38 8.33 -12.30
CA TYR A 200 5.08 9.33 -13.36
C TYR A 200 6.25 10.25 -13.65
N MET A 201 7.46 9.94 -13.12
CA MET A 201 8.63 10.82 -13.22
CA MET A 201 8.62 10.79 -13.31
C MET A 201 9.88 10.05 -13.57
N LYS A 202 10.85 10.76 -14.19
CA LYS A 202 12.18 10.25 -14.41
C LYS A 202 13.07 10.64 -13.25
N VAL A 203 12.74 10.06 -12.12
CA VAL A 203 13.42 10.30 -10.84
C VAL A 203 13.57 8.95 -10.19
N VAL A 204 14.78 8.57 -9.78
CA VAL A 204 14.98 7.31 -9.12
C VAL A 204 14.27 7.26 -7.82
N ASP A 205 13.65 6.12 -7.59
CA ASP A 205 13.04 5.81 -6.33
C ASP A 205 13.24 4.34 -6.09
N GLY A 206 12.74 3.77 -5.02
CA GLY A 206 12.76 2.32 -4.90
C GLY A 206 11.86 1.86 -3.79
N LEU A 207 11.64 0.55 -3.81
CA LEU A 207 10.96 -0.16 -2.75
C LEU A 207 11.91 -0.99 -1.95
N GLU A 208 11.66 -1.08 -0.66
CA GLU A 208 12.44 -2.02 0.20
C GLU A 208 11.48 -3.13 0.63
N LYS A 209 11.96 -4.37 0.49
CA LYS A 209 11.25 -5.52 1.01
C LYS A 209 11.98 -5.96 2.26
N ALA A 210 11.31 -6.07 3.40
CA ALA A 210 11.96 -6.42 4.68
C ALA A 210 11.14 -7.54 5.21
N ILE A 211 11.70 -8.75 5.27
CA ILE A 211 11.00 -9.93 5.72
C ILE A 211 11.23 -10.18 7.20
N TYR A 212 10.16 -10.23 8.01
CA TYR A 212 10.34 -10.37 9.48
C TYR A 212 10.81 -11.80 9.76
N GLN A 213 11.85 -11.93 10.56
CA GLN A 213 12.40 -13.24 10.91
C GLN A 213 12.08 -13.67 12.33
N GLY A 214 11.17 -13.01 13.03
CA GLY A 214 10.91 -13.34 14.44
C GLY A 214 11.91 -12.60 15.32
N PRO A 215 11.78 -12.75 16.65
CA PRO A 215 12.65 -12.00 17.61
C PRO A 215 14.19 -12.15 17.49
MG MG B . 4.17 6.25 -2.18
CL CL C . 5.01 5.20 -13.24
S SO4 D . -13.81 -13.59 -2.54
O1 SO4 D . -14.46 -12.45 -3.22
O2 SO4 D . -13.91 -14.88 -3.28
O3 SO4 D . -14.45 -13.87 -1.24
O4 SO4 D . -12.35 -13.30 -2.36
N SAH E . -0.68 3.74 -1.22
CA SAH E . -1.38 4.79 -2.04
CB SAH E . -0.87 6.23 -1.87
CG SAH E . -0.83 6.64 -0.39
SD SAH E . -0.42 8.39 -0.25
C SAH E . -1.14 4.42 -3.46
O SAH E . -2.07 4.55 -4.26
OXT SAH E . -0.07 4.04 -3.85
C5' SAH E . -0.10 8.51 1.50
C4' SAH E . -1.43 8.56 2.30
O4' SAH E . -1.15 8.25 3.68
C3' SAH E . -2.27 9.85 2.29
O3' SAH E . -3.60 9.61 1.77
C2' SAH E . -2.28 10.22 3.77
O2' SAH E . -3.54 10.88 4.20
C1' SAH E . -2.13 8.91 4.51
N9 SAH E . -1.59 8.92 5.84
C8 SAH E . -0.56 9.67 6.26
N7 SAH E . -0.30 9.40 7.53
C5 SAH E . -1.11 8.45 7.91
C6 SAH E . -1.36 7.69 9.12
N6 SAH E . -0.58 7.89 10.21
N1 SAH E . -2.28 6.73 9.17
C2 SAH E . -3.11 6.50 8.09
N3 SAH E . -2.92 7.16 6.93
C4 SAH E . -1.99 8.12 6.81
C4 7JQ F . 4.27 10.47 -0.76
C5 7JQ F . 4.26 9.22 -1.45
C7 7JQ F . 5.00 11.56 -1.34
C8 7JQ F . 5.61 11.44 -2.55
C10 7JQ F . 4.84 9.13 -2.72
C13 7JQ F . 7.47 12.40 -3.90
C15 7JQ F . 7.68 14.71 -4.26
C17 7JQ F . 5.89 13.85 -2.97
C1 7JQ F . 2.99 8.30 0.18
N2 7JQ F . 2.97 9.41 1.02
C3 7JQ F . 3.63 10.47 0.53
N6 7JQ F . 3.58 8.13 -0.98
C9 7JQ F . 5.55 10.20 -3.27
O11 7JQ F . 4.84 7.98 -3.39
C12 7JQ F . 6.35 12.58 -3.14
C14 7JQ F . 8.15 13.43 -4.50
C16 7JQ F . 6.56 14.94 -3.55
F18 7JQ F . 8.29 15.80 -4.87
S1 D1D G . 8.09 15.92 -8.93
C1 D1D G . 6.99 16.85 -10.04
C2 D1D G . 5.91 17.65 -9.27
O2 D1D G . 5.06 18.25 -10.19
C3 D1D G . 5.05 16.74 -8.38
O3 D1D G . 4.06 17.63 -7.81
C4 D1D G . 5.79 16.00 -7.31
S4 D1D G . 6.90 14.72 -7.81
CL CL H . 5.98 12.27 3.66
#